data_4UPI
#
_entry.id   4UPI
#
_cell.length_a   93.027
_cell.length_b   86.029
_cell.length_c   82.874
_cell.angle_alpha   90.00
_cell.angle_beta   115.19
_cell.angle_gamma   90.00
#
_symmetry.space_group_name_H-M   'C 1 2 1'
#
loop_
_entity.id
_entity.type
_entity.pdbx_description
1 polymer 'SULFATASE FAMILY PROTEIN'
2 non-polymer 'ZINC ION'
3 water water
#
_entity_poly.entity_id   1
_entity_poly.type   'polypeptide(L)'
_entity_poly.pdbx_seq_one_letter_code
;MASWSHPQFEKGAETAVPNSSSVPMTQNRNILWIMCDQLRFDYLSCYGHERLNTPNIDKLAKRGVRFTNAYVQATV
(DDZ)GPSRMSAYTGRYVRSHGSTQNGIPLRVGEPTLGDHLRDVGMRNVLIGKTHMRPDLDGMKRLGIDPDSEIGARVGE
GGFDAFDRDDGVHPTGYRKKEPAYNDYLRHAGFQAENPWEFWANSAEGKGGENQSGWLLTHADKPARVPEEHSETAYMTR
RAMEFMEAAEKDGRPWCAHLSYIKPHWPYIVPAPYHDMFGPDDVKPAVRSDEELKAAHPLFKAMTEEVYSRNFARDEVRE
KVIPAYMGLIKQIDDQLGQLFAFMQERGLDENTMIVFTADHGDYLGDHWMGEKYLFYEAAAKVPLIIYDPSDKADATRGT
VSDALVEMIDLAPTFVDYAGGVPPMHILEGKSLLPLLHDDDSSWDRQYVFSELDYSNLPARLKLGRDIQDCRATMVFDGR
YKLVEVMGFAPILFDLEVDPDELKDLGRDPSAEEVRQRLTSALDAWHRNTRQRITKSDAAYRALDPVLRESDPDLMAGVI
IGYWDEDEVEAEKRRIARILGENS
;
_entity_poly.pdbx_strand_id   A
#
loop_
_chem_comp.id
_chem_comp.type
_chem_comp.name
_chem_comp.formula
ZN non-polymer 'ZINC ION' 'Zn 2'
#
# COMPACT_ATOMS: atom_id res chain seq x y z
N ASN A 28 7.93 -8.42 -24.61
CA ASN A 28 7.12 -7.80 -23.58
C ASN A 28 7.91 -7.43 -22.33
N ARG A 29 7.55 -6.31 -21.71
CA ARG A 29 8.08 -5.94 -20.41
C ARG A 29 6.95 -6.04 -19.40
N ASN A 30 7.15 -6.86 -18.38
CA ASN A 30 6.13 -7.14 -17.38
C ASN A 30 6.51 -6.54 -16.05
N ILE A 31 5.56 -6.57 -15.12
CA ILE A 31 5.79 -6.13 -13.75
C ILE A 31 5.20 -7.16 -12.80
N LEU A 32 5.99 -7.56 -11.81
CA LEU A 32 5.51 -8.38 -10.71
C LEU A 32 5.54 -7.52 -9.46
N TRP A 33 4.35 -7.18 -8.96
CA TRP A 33 4.21 -6.33 -7.79
C TRP A 33 3.90 -7.20 -6.58
N ILE A 34 4.93 -7.51 -5.79
CA ILE A 34 4.77 -8.34 -4.60
C ILE A 34 4.48 -7.46 -3.41
N MET A 35 3.42 -7.79 -2.67
CA MET A 35 3.12 -7.12 -1.45
C MET A 35 2.88 -8.17 -0.36
N CYS A 36 3.31 -7.87 0.85
CA CYS A 36 2.94 -8.68 2.01
C CYS A 36 2.17 -7.83 2.99
N ASP A 37 1.11 -8.38 3.57
CA ASP A 37 0.27 -7.60 4.46
C ASP A 37 0.90 -7.51 5.85
N GLN A 38 1.02 -6.30 6.39
CA GLN A 38 1.38 -6.12 7.80
C GLN A 38 2.84 -6.52 8.06
N LEU A 39 3.69 -6.38 7.04
CA LEU A 39 5.12 -6.66 7.12
C LEU A 39 5.92 -5.41 7.46
N ARG A 40 6.60 -5.43 8.60
CA ARG A 40 7.49 -4.35 9.03
C ARG A 40 8.74 -4.28 8.16
N PHE A 41 9.19 -3.08 7.86
CA PHE A 41 10.40 -2.92 7.06
C PHE A 41 11.62 -3.52 7.76
N ASP A 42 11.65 -3.46 9.09
CA ASP A 42 12.84 -3.87 9.83
C ASP A 42 12.88 -5.37 10.14
N TYR A 43 11.95 -6.14 9.55
CA TYR A 43 11.97 -7.60 9.67
C TYR A 43 12.46 -8.26 8.39
N LEU A 44 13.32 -7.54 7.67
CA LEU A 44 14.08 -8.10 6.56
C LEU A 44 15.55 -7.87 6.88
N SER A 45 16.40 -8.84 6.56
CA SER A 45 17.81 -8.67 6.89
C SER A 45 18.46 -7.50 6.12
N CYS A 46 17.99 -7.20 4.91
CA CYS A 46 18.57 -6.08 4.17
C CYS A 46 18.22 -4.74 4.80
N TYR A 47 17.21 -4.72 5.68
CA TYR A 47 16.90 -3.52 6.45
C TYR A 47 17.40 -3.63 7.89
N GLY A 48 18.25 -4.62 8.15
CA GLY A 48 18.99 -4.68 9.40
C GLY A 48 18.58 -5.69 10.45
N HIS A 49 17.59 -6.54 10.18
CA HIS A 49 17.25 -7.53 11.19
C HIS A 49 18.41 -8.50 11.40
N GLU A 50 18.74 -8.74 12.66
CA GLU A 50 19.96 -9.47 13.01
C GLU A 50 19.75 -10.97 13.15
N ARG A 51 18.50 -11.41 13.19
CA ARG A 51 18.22 -12.82 13.47
C ARG A 51 17.37 -13.49 12.39
N LEU A 52 16.74 -12.68 11.54
CA LEU A 52 15.88 -13.21 10.48
C LEU A 52 16.53 -12.98 9.11
N ASN A 53 17.05 -14.05 8.52
N ASN A 53 17.02 -14.05 8.52
CA ASN A 53 17.77 -13.98 7.23
CA ASN A 53 17.70 -13.94 7.25
C ASN A 53 16.76 -14.13 6.10
C ASN A 53 16.77 -14.13 6.09
N THR A 54 16.66 -13.10 5.25
CA THR A 54 15.76 -13.12 4.12
C THR A 54 16.58 -12.98 2.84
N PRO A 55 17.34 -14.02 2.47
CA PRO A 55 18.30 -13.86 1.38
C PRO A 55 17.66 -13.62 0.00
N ASN A 56 16.49 -14.19 -0.26
CA ASN A 56 15.89 -14.00 -1.57
C ASN A 56 15.37 -12.58 -1.78
N ILE A 57 14.76 -12.02 -0.75
CA ILE A 57 14.33 -10.64 -0.79
C ILE A 57 15.56 -9.73 -0.81
N ASP A 58 16.58 -10.08 -0.03
CA ASP A 58 17.80 -9.30 0.01
C ASP A 58 18.49 -9.25 -1.36
N LYS A 59 18.45 -10.37 -2.08
CA LYS A 59 19.04 -10.44 -3.42
C LYS A 59 18.37 -9.47 -4.40
N LEU A 60 17.06 -9.26 -4.24
N LEU A 60 17.08 -9.25 -4.21
CA LEU A 60 16.37 -8.26 -5.05
CA LEU A 60 16.33 -8.29 -5.01
C LEU A 60 17.01 -6.91 -4.80
C LEU A 60 16.88 -6.88 -4.77
N ALA A 61 17.25 -6.60 -3.52
CA ALA A 61 17.89 -5.34 -3.17
C ALA A 61 19.32 -5.25 -3.68
N LYS A 62 20.04 -6.37 -3.64
CA LYS A 62 21.43 -6.39 -4.09
C LYS A 62 21.55 -6.04 -5.57
N ARG A 63 20.53 -6.37 -6.35
CA ARG A 63 20.54 -6.09 -7.79
C ARG A 63 19.62 -4.94 -8.19
N GLY A 64 19.01 -4.28 -7.19
CA GLY A 64 18.09 -3.19 -7.47
C GLY A 64 18.27 -2.02 -6.54
N VAL A 65 17.18 -1.33 -6.24
CA VAL A 65 17.21 -0.18 -5.35
C VAL A 65 16.33 -0.43 -4.13
N ARG A 66 16.89 -0.17 -2.94
CA ARG A 66 16.19 -0.33 -1.69
C ARG A 66 15.86 1.05 -1.15
N PHE A 67 14.60 1.29 -0.82
CA PHE A 67 14.15 2.62 -0.40
C PHE A 67 13.97 2.69 1.11
N THR A 68 14.56 3.71 1.73
CA THR A 68 14.51 3.84 3.18
C THR A 68 13.60 4.95 3.70
N ASN A 69 12.87 5.61 2.81
CA ASN A 69 11.88 6.62 3.21
C ASN A 69 10.58 6.45 2.43
N ALA A 70 10.09 5.23 2.37
CA ALA A 70 8.84 4.91 1.69
C ALA A 70 7.70 4.82 2.69
N TYR A 71 6.68 5.65 2.48
CA TYR A 71 5.54 5.77 3.40
C TYR A 71 4.22 5.48 2.71
N VAL A 72 3.35 4.76 3.41
CA VAL A 72 2.01 4.50 2.93
C VAL A 72 1.05 5.64 3.27
N GLN A 73 -0.02 5.76 2.49
CA GLN A 73 -0.90 6.92 2.57
C GLN A 73 -2.05 6.74 3.56
N ALA A 74 -2.11 5.55 4.14
CA ALA A 74 -2.86 5.22 5.35
C ALA A 74 -2.14 4.00 5.90
N THR A 75 -2.33 3.70 7.17
CA THR A 75 -1.56 2.64 7.79
C THR A 75 -2.40 1.39 8.05
N VAL A 76 -3.59 1.35 7.47
CA VAL A 76 -4.52 0.25 7.64
C VAL A 76 -4.86 -0.31 6.28
N DDZ A 77 -5.03 -1.62 6.21
CA DDZ A 77 -5.18 -2.36 4.98
C DDZ A 77 -6.02 -1.74 3.86
O DDZ A 77 -5.56 -1.48 2.75
OG1 DDZ A 77 -4.78 -4.46 6.01
OG2 DDZ A 77 -5.92 -4.52 4.05
CB DDZ A 77 -5.73 -3.79 5.22
N CYS A 77 -5.02 -1.64 6.22
CA CYS A 77 -5.22 -2.42 4.99
C CYS A 77 -6.01 -1.69 3.91
N GLY A 78 -7.29 -1.53 4.17
CA GLY A 78 -8.22 -1.01 3.17
C GLY A 78 -7.80 0.31 2.55
N PRO A 79 -7.73 1.36 3.37
CA PRO A 79 -7.40 2.66 2.77
C PRO A 79 -6.00 2.71 2.19
N SER A 80 -5.04 2.01 2.80
CA SER A 80 -3.69 1.99 2.24
C SER A 80 -3.73 1.39 0.82
N ARG A 81 -4.43 0.27 0.69
CA ARG A 81 -4.52 -0.42 -0.58
C ARG A 81 -5.33 0.38 -1.59
N MET A 82 -6.41 1.03 -1.16
CA MET A 82 -7.18 1.84 -2.11
C MET A 82 -6.30 2.95 -2.68
N SER A 83 -5.44 3.54 -1.86
CA SER A 83 -4.47 4.51 -2.36
C SER A 83 -3.46 3.86 -3.30
N ALA A 84 -2.96 2.68 -2.96
CA ALA A 84 -2.02 1.97 -3.83
C ALA A 84 -2.63 1.71 -5.21
N TYR A 85 -3.91 1.35 -5.23
CA TYR A 85 -4.54 0.86 -6.46
C TYR A 85 -5.16 1.98 -7.28
N THR A 86 -5.23 3.18 -6.72
CA THR A 86 -5.67 4.37 -7.44
C THR A 86 -4.55 5.38 -7.69
N GLY A 87 -3.45 5.29 -6.95
CA GLY A 87 -2.45 6.33 -6.99
C GLY A 87 -2.97 7.67 -6.47
N ARG A 88 -3.99 7.62 -5.62
CA ARG A 88 -4.63 8.84 -5.10
C ARG A 88 -4.67 8.79 -3.58
N TYR A 89 -4.55 9.96 -2.94
CA TYR A 89 -4.66 10.04 -1.48
C TYR A 89 -6.06 9.67 -1.03
N VAL A 90 -6.17 9.24 0.23
CA VAL A 90 -7.47 8.97 0.83
C VAL A 90 -8.40 10.18 0.76
N ARG A 91 -7.83 11.38 0.94
CA ARG A 91 -8.62 12.61 0.85
C ARG A 91 -9.25 12.79 -0.54
N SER A 92 -8.73 12.08 -1.53
CA SER A 92 -9.26 12.11 -2.88
C SER A 92 -10.27 10.99 -3.12
N HIS A 93 -9.88 9.75 -2.85
CA HIS A 93 -10.75 8.62 -3.20
C HIS A 93 -11.92 8.40 -2.24
N GLY A 94 -11.73 8.71 -0.97
CA GLY A 94 -12.79 8.60 0.03
C GLY A 94 -13.07 7.22 0.59
N SER A 95 -12.26 6.22 0.24
CA SER A 95 -12.43 4.90 0.87
C SER A 95 -11.55 4.90 2.11
N THR A 96 -12.09 5.41 3.22
CA THR A 96 -11.24 5.84 4.32
C THR A 96 -10.97 4.76 5.37
N GLN A 97 -11.71 3.65 5.32
CA GLN A 97 -11.63 2.61 6.33
C GLN A 97 -11.85 1.27 5.68
N ASN A 98 -11.44 0.21 6.38
CA ASN A 98 -11.71 -1.15 5.94
C ASN A 98 -13.17 -1.33 5.63
N GLY A 99 -13.47 -1.89 4.46
CA GLY A 99 -14.83 -2.23 4.11
C GLY A 99 -15.64 -1.11 3.46
N ILE A 100 -15.09 0.09 3.37
CA ILE A 100 -15.82 1.17 2.70
C ILE A 100 -15.60 0.99 1.20
N PRO A 101 -16.67 0.77 0.43
CA PRO A 101 -16.47 0.50 -0.99
C PRO A 101 -15.79 1.65 -1.71
N LEU A 102 -14.87 1.32 -2.60
CA LEU A 102 -14.30 2.31 -3.51
C LEU A 102 -15.37 2.73 -4.49
N ARG A 103 -15.64 4.04 -4.56
CA ARG A 103 -16.75 4.53 -5.38
C ARG A 103 -16.64 4.13 -6.84
N VAL A 104 -17.77 3.78 -7.44
CA VAL A 104 -17.82 3.52 -8.86
C VAL A 104 -17.37 4.79 -9.61
N GLY A 105 -16.58 4.61 -10.65
CA GLY A 105 -16.09 5.74 -11.41
C GLY A 105 -14.77 6.29 -10.92
N GLU A 106 -14.29 5.89 -9.74
CA GLU A 106 -12.95 6.30 -9.35
C GLU A 106 -11.95 5.63 -10.28
N PRO A 107 -11.09 6.40 -10.97
CA PRO A 107 -10.09 5.77 -11.84
C PRO A 107 -9.12 4.89 -11.04
N THR A 108 -8.73 3.76 -11.62
CA THR A 108 -7.79 2.86 -10.97
C THR A 108 -6.58 2.59 -11.84
N LEU A 109 -5.55 2.06 -11.22
CA LEU A 109 -4.36 1.60 -11.92
C LEU A 109 -4.70 0.71 -13.11
N GLY A 110 -5.63 -0.22 -12.92
CA GLY A 110 -6.04 -1.11 -13.99
C GLY A 110 -6.51 -0.35 -15.22
N ASP A 111 -7.25 0.74 -15.02
CA ASP A 111 -7.68 1.57 -16.15
C ASP A 111 -6.46 2.15 -16.88
N HIS A 112 -5.53 2.70 -16.11
CA HIS A 112 -4.38 3.37 -16.72
C HIS A 112 -3.48 2.40 -17.46
N LEU A 113 -3.32 1.19 -16.91
CA LEU A 113 -2.51 0.17 -17.57
C LEU A 113 -3.20 -0.35 -18.83
N ARG A 114 -4.52 -0.55 -18.73
CA ARG A 114 -5.28 -1.00 -19.91
C ARG A 114 -5.15 0.00 -21.06
N ASP A 115 -5.12 1.29 -20.72
CA ASP A 115 -5.01 2.35 -21.73
C ASP A 115 -3.72 2.26 -22.52
N VAL A 116 -2.71 1.60 -21.95
CA VAL A 116 -1.43 1.45 -22.63
C VAL A 116 -1.12 0.00 -22.98
N GLY A 117 -2.14 -0.85 -22.88
CA GLY A 117 -2.06 -2.23 -23.35
C GLY A 117 -1.46 -3.25 -22.40
N MET A 118 -1.42 -2.92 -21.10
CA MET A 118 -0.89 -3.85 -20.11
C MET A 118 -2.00 -4.36 -19.21
N ARG A 119 -2.03 -5.67 -19.01
CA ARG A 119 -2.99 -6.31 -18.11
C ARG A 119 -2.67 -5.96 -16.66
N ASN A 120 -3.71 -5.98 -15.82
CA ASN A 120 -3.58 -5.75 -14.40
C ASN A 120 -4.23 -6.92 -13.68
N VAL A 121 -3.42 -7.86 -13.21
CA VAL A 121 -3.91 -9.15 -12.72
C VAL A 121 -3.62 -9.33 -11.23
N LEU A 122 -4.59 -9.87 -10.50
CA LEU A 122 -4.47 -10.10 -9.06
C LEU A 122 -4.29 -11.56 -8.69
N ILE A 123 -3.28 -11.85 -7.87
CA ILE A 123 -3.13 -13.14 -7.21
C ILE A 123 -3.00 -12.85 -5.72
N GLY A 124 -4.12 -12.89 -5.01
CA GLY A 124 -4.13 -12.64 -3.58
C GLY A 124 -5.08 -11.54 -3.11
N LYS A 125 -4.62 -10.73 -2.16
CA LYS A 125 -5.48 -9.80 -1.44
C LYS A 125 -5.53 -8.38 -2.03
N THR A 126 -6.72 -7.79 -2.05
CA THR A 126 -6.85 -6.35 -2.30
C THR A 126 -7.66 -5.60 -1.25
N HIS A 127 -8.50 -6.32 -0.51
CA HIS A 127 -9.45 -5.66 0.41
C HIS A 127 -10.47 -4.75 -0.30
N MET A 128 -10.67 -4.99 -1.59
CA MET A 128 -11.71 -4.29 -2.33
C MET A 128 -13.10 -4.68 -1.85
N ARG A 129 -13.98 -3.70 -1.78
N ARG A 129 -13.98 -3.69 -1.82
CA ARG A 129 -15.40 -3.97 -1.59
CA ARG A 129 -15.39 -3.93 -1.60
C ARG A 129 -16.14 -3.26 -2.71
C ARG A 129 -16.16 -3.23 -2.70
N PRO A 130 -17.01 -3.97 -3.43
CA PRO A 130 -17.68 -3.40 -4.59
C PRO A 130 -18.67 -2.31 -4.19
N ASP A 131 -18.70 -1.22 -4.95
CA ASP A 131 -19.70 -0.18 -4.74
C ASP A 131 -20.99 -0.63 -5.39
N LEU A 132 -21.70 -1.53 -4.71
CA LEU A 132 -22.91 -2.10 -5.27
C LEU A 132 -24.00 -1.05 -5.49
N ASP A 133 -24.11 -0.09 -4.57
CA ASP A 133 -25.12 0.97 -4.74
C ASP A 133 -24.82 1.82 -5.97
N GLY A 134 -23.56 2.19 -6.14
CA GLY A 134 -23.14 3.00 -7.26
C GLY A 134 -23.35 2.27 -8.58
N MET A 135 -23.04 0.98 -8.60
N MET A 135 -23.02 0.98 -8.60
CA MET A 135 -23.22 0.18 -9.81
CA MET A 135 -23.22 0.18 -9.81
C MET A 135 -24.71 0.03 -10.15
C MET A 135 -24.70 0.02 -10.14
N LYS A 136 -25.54 -0.16 -9.12
CA LYS A 136 -26.96 -0.32 -9.34
C LYS A 136 -27.56 0.93 -9.97
N ARG A 137 -27.15 2.10 -9.49
CA ARG A 137 -27.57 3.35 -10.08
C ARG A 137 -27.27 3.42 -11.57
N LEU A 138 -26.10 2.92 -11.96
CA LEU A 138 -25.64 2.99 -13.34
C LEU A 138 -26.05 1.77 -14.18
N GLY A 139 -26.83 0.87 -13.59
CA GLY A 139 -27.31 -0.30 -14.29
C GLY A 139 -26.21 -1.29 -14.65
N ILE A 140 -25.12 -1.25 -13.88
CA ILE A 140 -24.02 -2.16 -14.12
C ILE A 140 -24.23 -3.45 -13.34
N ASP A 141 -24.37 -4.56 -14.06
CA ASP A 141 -24.50 -5.86 -13.44
C ASP A 141 -23.18 -6.16 -12.73
N PRO A 142 -23.23 -6.36 -11.40
CA PRO A 142 -21.98 -6.62 -10.68
C PRO A 142 -21.29 -7.91 -11.13
N ASP A 143 -21.98 -8.77 -11.86
CA ASP A 143 -21.42 -10.02 -12.33
C ASP A 143 -21.06 -10.00 -13.81
N SER A 144 -21.31 -8.88 -14.47
CA SER A 144 -20.88 -8.72 -15.86
C SER A 144 -19.36 -8.60 -15.90
N GLU A 145 -18.79 -8.64 -17.09
CA GLU A 145 -17.34 -8.49 -17.22
C GLU A 145 -16.87 -7.14 -16.68
N ILE A 146 -17.59 -6.08 -17.06
CA ILE A 146 -17.26 -4.75 -16.57
C ILE A 146 -17.54 -4.64 -15.07
N GLY A 147 -18.70 -5.13 -14.65
CA GLY A 147 -19.07 -5.06 -13.25
C GLY A 147 -18.10 -5.79 -12.33
N ALA A 148 -17.68 -6.98 -12.73
CA ALA A 148 -16.75 -7.75 -11.92
C ALA A 148 -15.43 -6.99 -11.77
N ARG A 149 -14.95 -6.41 -12.85
CA ARG A 149 -13.69 -5.68 -12.82
C ARG A 149 -13.79 -4.42 -11.95
N VAL A 150 -14.90 -3.69 -12.07
CA VAL A 150 -15.15 -2.55 -11.20
C VAL A 150 -15.15 -2.96 -9.73
N GLY A 151 -15.83 -4.06 -9.42
CA GLY A 151 -15.88 -4.56 -8.06
C GLY A 151 -14.54 -5.05 -7.54
N GLU A 152 -13.67 -5.46 -8.46
CA GLU A 152 -12.33 -5.91 -8.10
C GLU A 152 -11.31 -4.76 -8.16
N GLY A 153 -11.79 -3.52 -8.24
CA GLY A 153 -10.87 -2.39 -8.22
C GLY A 153 -9.96 -2.28 -9.42
N GLY A 154 -10.43 -2.74 -10.58
CA GLY A 154 -9.66 -2.64 -11.80
C GLY A 154 -8.70 -3.79 -12.03
N PHE A 155 -8.80 -4.84 -11.21
CA PHE A 155 -7.99 -6.05 -11.39
C PHE A 155 -8.76 -7.15 -12.11
N ASP A 156 -8.05 -7.88 -12.97
CA ASP A 156 -8.46 -9.18 -13.46
C ASP A 156 -8.10 -10.16 -12.34
N ALA A 157 -9.11 -10.70 -11.67
CA ALA A 157 -8.89 -11.53 -10.48
C ALA A 157 -8.59 -12.98 -10.84
N PHE A 158 -7.31 -13.28 -11.07
CA PHE A 158 -6.87 -14.66 -11.29
C PHE A 158 -7.18 -15.50 -10.05
N ASP A 159 -6.90 -14.94 -8.87
CA ASP A 159 -7.25 -15.59 -7.60
C ASP A 159 -7.41 -14.51 -6.54
N ARG A 160 -8.65 -14.03 -6.37
CA ARG A 160 -8.96 -13.04 -5.34
C ARG A 160 -9.14 -13.73 -4.00
N ASP A 161 -8.34 -13.34 -3.02
CA ASP A 161 -8.38 -13.97 -1.71
C ASP A 161 -7.78 -13.02 -0.69
N ASP A 162 -8.63 -12.45 0.16
CA ASP A 162 -8.15 -11.50 1.15
C ASP A 162 -7.56 -12.19 2.39
N GLY A 163 -7.62 -13.51 2.44
CA GLY A 163 -6.86 -14.26 3.44
C GLY A 163 -7.39 -14.30 4.86
N VAL A 164 -8.61 -13.81 5.07
CA VAL A 164 -9.20 -13.82 6.40
C VAL A 164 -10.65 -14.29 6.27
N HIS A 165 -10.92 -15.50 6.71
CA HIS A 165 -12.20 -16.15 6.42
C HIS A 165 -12.82 -16.80 7.64
N PRO A 166 -13.20 -15.98 8.65
CA PRO A 166 -13.80 -16.59 9.84
C PRO A 166 -15.12 -17.26 9.51
N THR A 167 -15.45 -18.30 10.26
CA THR A 167 -16.80 -18.82 10.24
C THR A 167 -17.65 -17.78 10.96
N GLY A 168 -18.72 -17.33 10.32
CA GLY A 168 -19.03 -17.75 8.96
C GLY A 168 -19.19 -16.53 8.08
N TYR A 169 -18.07 -16.03 7.56
CA TYR A 169 -18.06 -14.87 6.68
C TYR A 169 -18.98 -15.13 5.49
N ARG A 170 -19.60 -14.07 5.00
CA ARG A 170 -20.47 -14.21 3.85
C ARG A 170 -19.89 -13.51 2.63
N LYS A 171 -19.31 -14.32 1.75
CA LYS A 171 -18.73 -13.82 0.52
C LYS A 171 -18.46 -15.02 -0.37
N LYS A 172 -17.88 -14.78 -1.54
CA LYS A 172 -17.53 -15.86 -2.43
C LYS A 172 -16.48 -16.73 -1.75
N GLU A 173 -16.67 -18.04 -1.84
CA GLU A 173 -15.71 -18.99 -1.30
C GLU A 173 -14.35 -18.76 -1.95
N PRO A 174 -13.30 -18.54 -1.15
CA PRO A 174 -11.96 -18.42 -1.74
C PRO A 174 -11.60 -19.73 -2.42
N ALA A 175 -10.94 -19.64 -3.56
CA ALA A 175 -10.49 -20.83 -4.27
C ALA A 175 -9.66 -21.74 -3.37
N TYR A 176 -8.94 -21.14 -2.41
CA TYR A 176 -8.10 -21.89 -1.48
C TYR A 176 -8.88 -22.96 -0.69
N ASN A 177 -10.12 -22.66 -0.31
CA ASN A 177 -10.91 -23.68 0.40
C ASN A 177 -11.17 -24.92 -0.44
N ASP A 178 -11.49 -24.74 -1.72
CA ASP A 178 -11.72 -25.87 -2.59
C ASP A 178 -10.41 -26.59 -2.90
N TYR A 179 -9.33 -25.83 -2.96
CA TYR A 179 -8.00 -26.40 -3.12
C TYR A 179 -7.68 -27.36 -1.98
N LEU A 180 -7.93 -26.93 -0.75
CA LEU A 180 -7.70 -27.77 0.43
C LEU A 180 -8.57 -29.03 0.39
N ARG A 181 -9.84 -28.86 0.06
CA ARG A 181 -10.75 -30.01 -0.01
C ARG A 181 -10.30 -31.02 -1.06
N HIS A 182 -9.90 -30.52 -2.23
CA HIS A 182 -9.45 -31.38 -3.31
C HIS A 182 -8.17 -32.12 -2.92
N ALA A 183 -7.36 -31.48 -2.08
CA ALA A 183 -6.12 -32.08 -1.59
C ALA A 183 -6.36 -33.05 -0.42
N GLY A 184 -7.62 -33.18 0.00
CA GLY A 184 -7.99 -34.17 1.00
C GLY A 184 -8.17 -33.62 2.40
N PHE A 185 -8.15 -32.28 2.52
CA PHE A 185 -8.33 -31.64 3.81
C PHE A 185 -9.75 -31.10 3.97
N GLN A 186 -10.61 -31.89 4.61
CA GLN A 186 -12.01 -31.52 4.75
C GLN A 186 -12.27 -30.85 6.10
N ALA A 187 -13.22 -29.93 6.10
CA ALA A 187 -13.63 -29.19 7.29
C ALA A 187 -14.79 -28.30 6.93
N GLU A 188 -15.55 -27.86 7.93
CA GLU A 188 -16.56 -26.84 7.72
C GLU A 188 -15.91 -25.59 7.14
N ASN A 189 -14.77 -25.22 7.72
CA ASN A 189 -14.01 -24.06 7.26
C ASN A 189 -12.53 -24.46 7.08
N PRO A 190 -12.17 -24.94 5.88
CA PRO A 190 -10.81 -25.46 5.69
C PRO A 190 -9.73 -24.41 5.97
N TRP A 191 -9.93 -23.17 5.54
CA TRP A 191 -8.97 -22.11 5.84
C TRP A 191 -8.70 -21.99 7.34
N GLU A 192 -9.76 -22.04 8.13
CA GLU A 192 -9.62 -21.83 9.56
C GLU A 192 -9.07 -23.08 10.26
N PHE A 193 -9.65 -24.23 9.93
CA PHE A 193 -9.33 -25.48 10.61
C PHE A 193 -7.95 -26.01 10.25
N TRP A 194 -7.63 -25.98 8.96
CA TRP A 194 -6.38 -26.54 8.48
C TRP A 194 -5.23 -25.54 8.42
N ALA A 195 -5.46 -24.40 7.77
CA ALA A 195 -4.39 -23.45 7.57
C ALA A 195 -4.13 -22.58 8.79
N ASN A 196 -5.14 -22.37 9.61
CA ASN A 196 -5.02 -21.39 10.69
C ASN A 196 -5.41 -21.88 12.08
N SER A 197 -5.25 -23.19 12.28
CA SER A 197 -5.45 -23.80 13.59
C SER A 197 -4.52 -24.97 13.72
N ALA A 198 -4.30 -25.38 14.96
CA ALA A 198 -3.45 -26.51 15.30
C ALA A 198 -4.27 -27.54 16.08
N GLU A 199 -3.73 -28.75 16.18
CA GLU A 199 -4.36 -29.77 16.99
C GLU A 199 -3.42 -30.14 18.13
N GLY A 200 -3.93 -30.05 19.35
CA GLY A 200 -3.15 -30.35 20.54
C GLY A 200 -2.74 -31.81 20.67
N LYS A 201 -1.76 -32.06 21.53
CA LYS A 201 -1.23 -33.39 21.77
C LYS A 201 -2.32 -34.39 22.15
N GLY A 202 -3.42 -33.88 22.70
CA GLY A 202 -4.54 -34.70 23.07
C GLY A 202 -5.65 -34.75 22.03
N GLY A 203 -5.62 -33.82 21.09
CA GLY A 203 -6.61 -33.79 20.01
C GLY A 203 -7.52 -32.58 20.10
N GLU A 204 -7.28 -31.74 21.10
CA GLU A 204 -8.08 -30.53 21.25
C GLU A 204 -7.79 -29.54 20.13
N ASN A 205 -8.79 -28.75 19.76
CA ASN A 205 -8.61 -27.76 18.72
C ASN A 205 -7.95 -26.52 19.28
N GLN A 206 -6.85 -26.12 18.65
CA GLN A 206 -6.11 -24.94 19.06
C GLN A 206 -6.22 -23.85 18.01
N SER A 207 -7.16 -22.94 18.22
CA SER A 207 -7.46 -21.92 17.23
C SER A 207 -6.30 -20.94 17.03
N GLY A 208 -5.89 -20.75 15.79
CA GLY A 208 -4.81 -19.82 15.49
C GLY A 208 -5.22 -18.36 15.58
N TRP A 209 -6.50 -18.11 15.80
CA TRP A 209 -6.95 -16.76 16.12
C TRP A 209 -6.38 -16.29 17.45
N LEU A 210 -5.98 -17.24 18.30
CA LEU A 210 -5.56 -16.95 19.66
C LEU A 210 -4.04 -16.78 19.72
N LEU A 211 -3.59 -15.69 20.34
CA LEU A 211 -2.16 -15.40 20.43
C LEU A 211 -1.39 -16.51 21.16
N THR A 212 -2.04 -17.19 22.11
CA THR A 212 -1.37 -18.23 22.87
C THR A 212 -1.00 -19.42 21.99
N HIS A 213 -1.57 -19.51 20.79
CA HIS A 213 -1.25 -20.61 19.89
C HIS A 213 -0.29 -20.26 18.75
N ALA A 214 0.34 -19.09 18.86
CA ALA A 214 1.35 -18.68 17.88
C ALA A 214 2.52 -19.68 17.81
N ASP A 215 2.74 -20.44 18.88
CA ASP A 215 3.84 -21.41 18.93
C ASP A 215 3.45 -22.79 18.41
N LYS A 216 2.21 -22.97 17.99
CA LYS A 216 1.73 -24.28 17.54
C LYS A 216 1.84 -24.40 16.04
N PRO A 217 2.20 -25.59 15.53
CA PRO A 217 2.25 -25.74 14.07
C PRO A 217 0.86 -25.83 13.48
N ALA A 218 0.57 -25.11 12.40
CA ALA A 218 -0.71 -25.25 11.73
C ALA A 218 -0.91 -26.72 11.33
N ARG A 219 -2.15 -27.18 11.30
CA ARG A 219 -2.45 -28.56 10.88
C ARG A 219 -1.95 -28.85 9.46
N VAL A 220 -2.10 -27.87 8.58
CA VAL A 220 -1.81 -28.07 7.16
C VAL A 220 -0.33 -28.28 6.89
N PRO A 221 0.01 -29.25 6.04
CA PRO A 221 1.39 -29.39 5.58
C PRO A 221 1.84 -28.11 4.86
N GLU A 222 3.11 -27.77 4.96
CA GLU A 222 3.64 -26.52 4.42
C GLU A 222 3.29 -26.32 2.95
N GLU A 223 3.34 -27.39 2.17
CA GLU A 223 3.14 -27.29 0.73
C GLU A 223 1.72 -26.85 0.38
N HIS A 224 0.80 -26.98 1.33
CA HIS A 224 -0.60 -26.65 1.10
C HIS A 224 -1.06 -25.43 1.88
N SER A 225 -0.11 -24.79 2.55
CA SER A 225 -0.40 -23.58 3.32
C SER A 225 -0.69 -22.38 2.41
N GLU A 226 -1.19 -21.30 2.98
CA GLU A 226 -1.59 -20.14 2.19
C GLU A 226 -0.46 -19.55 1.36
N THR A 227 0.70 -19.34 1.98
CA THR A 227 1.81 -18.70 1.27
C THR A 227 2.32 -19.61 0.15
N ALA A 228 2.39 -20.91 0.40
CA ALA A 228 2.81 -21.85 -0.63
C ALA A 228 1.80 -21.88 -1.77
N TYR A 229 0.52 -21.95 -1.42
CA TYR A 229 -0.55 -21.96 -2.40
C TYR A 229 -0.52 -20.75 -3.31
N MET A 230 -0.40 -19.57 -2.71
CA MET A 230 -0.48 -18.34 -3.50
C MET A 230 0.76 -18.19 -4.40
N THR A 231 1.91 -18.66 -3.93
CA THR A 231 3.12 -18.60 -4.73
C THR A 231 2.96 -19.48 -5.97
N ARG A 232 2.39 -20.67 -5.77
CA ARG A 232 2.14 -21.59 -6.87
C ARG A 232 1.12 -20.99 -7.85
N ARG A 233 0.09 -20.33 -7.32
CA ARG A 233 -0.89 -19.69 -8.18
C ARG A 233 -0.25 -18.62 -9.05
N ALA A 234 0.72 -17.90 -8.51
CA ALA A 234 1.44 -16.91 -9.30
C ALA A 234 2.22 -17.58 -10.44
N MET A 235 2.82 -18.72 -10.17
CA MET A 235 3.51 -19.48 -11.21
C MET A 235 2.53 -19.93 -12.30
N GLU A 236 1.38 -20.43 -11.87
CA GLU A 236 0.34 -20.85 -12.79
C GLU A 236 -0.13 -19.69 -13.65
N PHE A 237 -0.30 -18.52 -13.05
CA PHE A 237 -0.66 -17.35 -13.83
C PHE A 237 0.39 -17.04 -14.89
N MET A 238 1.65 -17.03 -14.49
CA MET A 238 2.72 -16.68 -15.42
C MET A 238 2.79 -17.64 -16.61
N GLU A 239 2.59 -18.92 -16.35
CA GLU A 239 2.53 -19.92 -17.42
C GLU A 239 1.40 -19.59 -18.39
N ALA A 240 0.22 -19.34 -17.85
CA ALA A 240 -0.96 -19.06 -18.68
C ALA A 240 -0.79 -17.75 -19.44
N ALA A 241 -0.16 -16.77 -18.81
CA ALA A 241 -0.01 -15.43 -19.40
C ALA A 241 0.97 -15.43 -20.56
N GLU A 242 1.95 -16.32 -20.51
CA GLU A 242 3.05 -16.35 -21.48
C GLU A 242 2.56 -16.56 -22.91
N LYS A 243 1.46 -17.30 -23.07
CA LYS A 243 0.92 -17.52 -24.39
C LYS A 243 -0.41 -16.82 -24.59
N ASP A 244 -0.71 -15.89 -23.69
CA ASP A 244 -1.73 -14.90 -23.96
C ASP A 244 -1.06 -13.85 -24.82
N GLY A 245 0.17 -13.52 -24.45
CA GLY A 245 1.00 -12.64 -25.26
C GLY A 245 1.03 -11.20 -24.79
N ARG A 246 -0.02 -10.77 -24.10
CA ARG A 246 -0.10 -9.39 -23.65
C ARG A 246 0.82 -9.16 -22.46
N PRO A 247 1.47 -7.99 -22.42
CA PRO A 247 2.26 -7.61 -21.23
C PRO A 247 1.36 -7.55 -20.00
N TRP A 248 1.93 -7.82 -18.84
CA TRP A 248 1.14 -7.86 -17.62
C TRP A 248 1.82 -7.21 -16.43
N CYS A 249 0.98 -6.68 -15.54
CA CYS A 249 1.38 -6.31 -14.20
C CYS A 249 0.64 -7.24 -13.26
N ALA A 250 1.38 -8.12 -12.59
CA ALA A 250 0.77 -9.12 -11.71
C ALA A 250 1.02 -8.72 -10.26
N HIS A 251 -0.06 -8.58 -9.49
CA HIS A 251 0.03 -8.22 -8.09
C HIS A 251 -0.08 -9.51 -7.28
N LEU A 252 1.05 -9.97 -6.77
CA LEU A 252 1.14 -11.14 -5.91
C LEU A 252 1.07 -10.59 -4.50
N SER A 253 -0.10 -10.75 -3.89
CA SER A 253 -0.42 -10.02 -2.68
C SER A 253 -0.69 -11.02 -1.54
N TYR A 254 0.35 -11.25 -0.75
CA TYR A 254 0.31 -12.23 0.34
C TYR A 254 -0.43 -11.68 1.55
N ILE A 255 -1.28 -12.49 2.16
CA ILE A 255 -1.87 -12.10 3.45
C ILE A 255 -0.83 -12.16 4.60
N LYS A 256 0.00 -13.18 4.64
CA LYS A 256 1.00 -13.24 5.71
C LYS A 256 2.01 -12.10 5.54
N PRO A 257 2.61 -11.61 6.65
CA PRO A 257 2.53 -12.10 8.04
C PRO A 257 1.40 -11.49 8.89
N HIS A 258 0.39 -10.90 8.26
CA HIS A 258 -0.85 -10.53 8.95
C HIS A 258 -1.43 -11.75 9.66
N TRP A 259 -2.10 -11.49 10.78
CA TRP A 259 -2.78 -12.54 11.54
C TRP A 259 -3.88 -13.25 10.73
N PRO A 260 -4.32 -14.45 11.17
CA PRO A 260 -3.84 -15.23 12.32
C PRO A 260 -2.33 -15.49 12.32
N TYR A 261 -1.70 -15.24 13.47
CA TYR A 261 -0.27 -15.47 13.60
C TYR A 261 -0.02 -16.94 13.92
N ILE A 262 -0.01 -17.76 12.87
CA ILE A 262 0.24 -19.18 13.01
C ILE A 262 0.80 -19.64 11.67
N VAL A 263 1.71 -20.61 11.70
CA VAL A 263 2.45 -20.99 10.48
C VAL A 263 2.64 -22.51 10.50
N PRO A 264 2.69 -23.14 9.31
CA PRO A 264 2.97 -24.59 9.28
C PRO A 264 4.38 -24.92 9.71
N ALA A 265 4.57 -26.16 10.16
CA ALA A 265 5.92 -26.68 10.35
C ALA A 265 6.61 -26.65 8.99
N PRO A 266 7.93 -26.39 8.97
CA PRO A 266 8.84 -26.29 10.12
C PRO A 266 9.06 -24.86 10.58
N TYR A 267 8.19 -23.94 10.18
CA TYR A 267 8.43 -22.52 10.46
C TYR A 267 8.02 -22.06 11.86
N HIS A 268 7.17 -22.83 12.53
CA HIS A 268 6.63 -22.42 13.83
C HIS A 268 7.63 -22.52 14.97
N ASP A 269 8.69 -23.31 14.82
CA ASP A 269 9.68 -23.45 15.87
C ASP A 269 11.10 -23.18 15.38
N MET A 270 11.18 -22.43 14.29
N MET A 270 11.21 -22.47 14.25
CA MET A 270 12.46 -22.06 13.71
CA MET A 270 12.52 -22.08 13.75
C MET A 270 13.14 -20.97 14.53
C MET A 270 13.16 -21.04 14.66
N PHE A 271 12.33 -20.12 15.17
CA PHE A 271 12.82 -19.02 15.98
C PHE A 271 12.23 -19.09 17.39
N GLY A 272 12.82 -18.36 18.32
CA GLY A 272 12.37 -18.38 19.70
C GLY A 272 12.55 -17.04 20.37
N PRO A 273 12.21 -16.96 21.67
CA PRO A 273 12.23 -15.68 22.40
C PRO A 273 13.57 -14.93 22.33
N ASP A 274 14.68 -15.65 22.24
CA ASP A 274 15.99 -15.03 22.21
C ASP A 274 16.26 -14.30 20.88
N ASP A 275 15.46 -14.59 19.86
CA ASP A 275 15.60 -13.97 18.55
C ASP A 275 14.81 -12.69 18.43
N VAL A 276 13.98 -12.40 19.44
CA VAL A 276 13.04 -11.29 19.39
C VAL A 276 13.69 -9.99 19.85
N LYS A 277 13.76 -9.01 18.97
CA LYS A 277 14.40 -7.75 19.32
C LYS A 277 13.56 -7.05 20.39
N PRO A 278 14.21 -6.22 21.21
CA PRO A 278 13.48 -5.51 22.28
C PRO A 278 12.39 -4.59 21.73
N ALA A 279 11.31 -4.45 22.49
CA ALA A 279 10.25 -3.51 22.15
C ALA A 279 10.80 -2.09 22.24
N VAL A 280 10.35 -1.25 21.32
CA VAL A 280 10.69 0.16 21.35
C VAL A 280 9.53 0.89 22.01
N ARG A 281 9.75 1.30 23.25
CA ARG A 281 8.72 1.95 24.06
C ARG A 281 9.34 2.52 25.32
N SER A 282 8.63 3.41 25.99
CA SER A 282 9.10 3.90 27.28
C SER A 282 7.94 4.25 28.20
N ASP A 283 8.18 4.21 29.50
CA ASP A 283 7.14 4.59 30.45
C ASP A 283 6.76 6.06 30.25
N GLU A 284 7.77 6.89 30.01
CA GLU A 284 7.56 8.33 29.89
C GLU A 284 6.70 8.75 28.71
N GLU A 285 6.75 7.98 27.62
CA GLU A 285 5.98 8.36 26.44
C GLU A 285 4.48 8.25 26.70
N LEU A 286 4.11 7.46 27.70
CA LEU A 286 2.70 7.34 28.08
C LEU A 286 2.22 8.48 28.95
N LYS A 287 3.14 9.13 29.66
CA LYS A 287 2.79 10.22 30.55
C LYS A 287 2.24 11.42 29.79
N ALA A 288 1.03 11.83 30.13
CA ALA A 288 0.35 12.93 29.45
C ALA A 288 0.39 12.81 27.91
N ALA A 289 0.23 11.58 27.43
CA ALA A 289 0.33 11.26 26.00
C ALA A 289 -0.78 11.95 25.26
N HIS A 290 -0.62 12.10 23.95
CA HIS A 290 -1.71 12.63 23.15
C HIS A 290 -2.93 11.74 23.33
N PRO A 291 -4.12 12.36 23.49
CA PRO A 291 -5.33 11.56 23.72
C PRO A 291 -5.59 10.47 22.67
N LEU A 292 -5.25 10.72 21.41
CA LEU A 292 -5.50 9.71 20.40
C LEU A 292 -4.57 8.50 20.59
N PHE A 293 -3.30 8.80 20.91
CA PHE A 293 -2.32 7.76 21.23
C PHE A 293 -2.77 6.97 22.47
N LYS A 294 -3.12 7.67 23.53
CA LYS A 294 -3.63 7.01 24.73
C LYS A 294 -4.77 6.05 24.42
N ALA A 295 -5.74 6.52 23.64
CA ALA A 295 -6.85 5.66 23.27
C ALA A 295 -6.39 4.37 22.58
N MET A 296 -5.43 4.48 21.67
CA MET A 296 -4.96 3.28 20.98
C MET A 296 -4.30 2.28 21.91
N THR A 297 -3.62 2.77 22.94
CA THR A 297 -2.96 1.87 23.89
C THR A 297 -3.97 1.11 24.76
N GLU A 298 -5.24 1.51 24.74
CA GLU A 298 -6.28 0.89 25.56
C GLU A 298 -6.99 -0.28 24.89
N GLU A 299 -6.72 -0.49 23.60
CA GLU A 299 -7.34 -1.59 22.88
C GLU A 299 -6.77 -2.93 23.33
N VAL A 300 -7.53 -4.00 23.14
CA VAL A 300 -7.14 -5.30 23.67
C VAL A 300 -5.82 -5.78 23.06
N TYR A 301 -5.62 -5.54 21.77
CA TYR A 301 -4.36 -5.95 21.16
C TYR A 301 -3.18 -5.19 21.74
N SER A 302 -3.39 -3.91 22.06
CA SER A 302 -2.33 -3.11 22.64
C SER A 302 -1.99 -3.58 24.05
N ARG A 303 -3.03 -3.81 24.86
CA ARG A 303 -2.82 -4.28 26.23
C ARG A 303 -2.11 -5.63 26.24
N ASN A 304 -2.43 -6.49 25.28
CA ASN A 304 -1.76 -7.78 25.25
C ASN A 304 -0.34 -7.72 24.72
N PHE A 305 -0.11 -6.95 23.66
CA PHE A 305 1.27 -6.84 23.14
C PHE A 305 2.17 -6.03 24.08
N ALA A 306 1.58 -5.36 25.06
CA ALA A 306 2.33 -4.70 26.12
C ALA A 306 3.05 -5.71 27.02
N ARG A 307 2.56 -6.95 27.04
CA ARG A 307 3.11 -8.00 27.88
C ARG A 307 4.28 -8.70 27.22
N ASP A 308 5.39 -8.81 27.92
CA ASP A 308 6.57 -9.50 27.38
C ASP A 308 6.23 -10.94 26.97
N GLU A 309 5.40 -11.61 27.77
CA GLU A 309 5.02 -12.99 27.50
C GLU A 309 4.35 -13.12 26.12
N VAL A 310 3.55 -12.13 25.76
CA VAL A 310 2.86 -12.15 24.48
C VAL A 310 3.83 -11.93 23.31
N ARG A 311 4.68 -10.92 23.43
CA ARG A 311 5.69 -10.65 22.39
C ARG A 311 6.57 -11.86 22.16
N GLU A 312 7.02 -12.49 23.24
CA GLU A 312 7.93 -13.62 23.14
C GLU A 312 7.28 -14.82 22.48
N LYS A 313 5.97 -14.95 22.61
CA LYS A 313 5.28 -16.05 21.95
C LYS A 313 4.92 -15.74 20.51
N VAL A 314 4.43 -14.53 20.24
CA VAL A 314 3.92 -14.21 18.91
C VAL A 314 4.98 -13.85 17.89
N ILE A 315 5.98 -13.08 18.30
CA ILE A 315 6.95 -12.58 17.33
C ILE A 315 7.76 -13.70 16.63
N PRO A 316 8.10 -14.79 17.34
CA PRO A 316 8.73 -15.91 16.61
C PRO A 316 7.83 -16.48 15.48
N ALA A 317 6.52 -16.43 15.64
CA ALA A 317 5.62 -16.89 14.57
C ALA A 317 5.64 -15.91 13.40
N TYR A 318 5.58 -14.63 13.73
CA TYR A 318 5.69 -13.55 12.73
C TYR A 318 6.98 -13.75 11.92
N MET A 319 8.07 -14.04 12.61
N MET A 319 8.07 -14.03 12.60
CA MET A 319 9.35 -14.26 11.94
CA MET A 319 9.35 -14.28 11.93
C MET A 319 9.32 -15.50 11.05
C MET A 319 9.26 -15.49 11.01
N GLY A 320 8.67 -16.57 11.53
CA GLY A 320 8.51 -17.78 10.73
C GLY A 320 7.70 -17.55 9.48
N LEU A 321 6.64 -16.74 9.59
CA LEU A 321 5.81 -16.40 8.44
C LEU A 321 6.61 -15.67 7.36
N ILE A 322 7.46 -14.75 7.79
CA ILE A 322 8.31 -13.99 6.87
C ILE A 322 9.36 -14.90 6.23
N LYS A 323 9.95 -15.80 7.03
CA LYS A 323 10.91 -16.74 6.48
C LYS A 323 10.26 -17.62 5.41
N GLN A 324 9.02 -18.02 5.64
CA GLN A 324 8.31 -18.84 4.66
C GLN A 324 8.10 -18.04 3.36
N ILE A 325 7.73 -16.77 3.48
CA ILE A 325 7.60 -15.91 2.30
C ILE A 325 8.93 -15.84 1.54
N ASP A 326 10.04 -15.65 2.26
CA ASP A 326 11.32 -15.55 1.57
C ASP A 326 11.69 -16.85 0.85
N ASP A 327 11.46 -17.98 1.51
CA ASP A 327 11.72 -19.27 0.88
C ASP A 327 10.86 -19.46 -0.37
N GLN A 328 9.58 -19.12 -0.26
CA GLN A 328 8.68 -19.29 -1.39
C GLN A 328 9.03 -18.36 -2.55
N LEU A 329 9.44 -17.13 -2.24
CA LEU A 329 9.87 -16.22 -3.30
C LEU A 329 11.12 -16.75 -4.00
N GLY A 330 11.98 -17.45 -3.26
CA GLY A 330 13.10 -18.12 -3.89
C GLY A 330 12.65 -19.09 -4.97
N GLN A 331 11.61 -19.88 -4.67
CA GLN A 331 11.03 -20.79 -5.65
C GLN A 331 10.46 -20.01 -6.83
N LEU A 332 9.74 -18.93 -6.54
CA LEU A 332 9.15 -18.13 -7.60
C LEU A 332 10.22 -17.54 -8.52
N PHE A 333 11.26 -16.97 -7.94
CA PHE A 333 12.32 -16.35 -8.75
C PHE A 333 13.09 -17.38 -9.59
N ALA A 334 13.31 -18.57 -9.02
CA ALA A 334 13.93 -19.66 -9.79
C ALA A 334 13.06 -20.06 -10.98
N PHE A 335 11.75 -20.14 -10.73
CA PHE A 335 10.78 -20.44 -11.77
C PHE A 335 10.84 -19.40 -12.88
N MET A 336 10.91 -18.13 -12.49
CA MET A 336 10.99 -17.05 -13.47
C MET A 336 12.28 -17.12 -14.27
N GLN A 337 13.39 -17.41 -13.59
CA GLN A 337 14.69 -17.49 -14.25
C GLN A 337 14.72 -18.60 -15.28
N GLU A 338 14.12 -19.74 -14.94
CA GLU A 338 14.19 -20.89 -15.86
C GLU A 338 13.28 -20.70 -17.08
N ARG A 339 12.42 -19.69 -17.03
CA ARG A 339 11.54 -19.38 -18.15
C ARG A 339 11.88 -18.06 -18.82
N GLY A 340 12.97 -17.45 -18.37
CA GLY A 340 13.46 -16.21 -18.99
C GLY A 340 12.70 -14.97 -18.59
N LEU A 341 11.75 -15.12 -17.66
CA LEU A 341 10.96 -13.99 -17.21
C LEU A 341 11.77 -13.04 -16.34
N ASP A 342 12.90 -13.51 -15.83
CA ASP A 342 13.76 -12.68 -15.01
C ASP A 342 14.37 -11.52 -15.81
N GLU A 343 14.47 -11.70 -17.12
CA GLU A 343 15.12 -10.72 -17.97
C GLU A 343 14.21 -9.55 -18.33
N ASN A 344 12.90 -9.76 -18.28
CA ASN A 344 11.97 -8.75 -18.78
C ASN A 344 10.88 -8.33 -17.80
N THR A 345 11.02 -8.72 -16.53
CA THR A 345 10.01 -8.42 -15.53
C THR A 345 10.59 -7.61 -14.39
N MET A 346 10.10 -6.39 -14.23
CA MET A 346 10.46 -5.59 -13.06
C MET A 346 9.76 -6.18 -11.84
N ILE A 347 10.51 -6.32 -10.76
CA ILE A 347 9.94 -6.86 -9.54
C ILE A 347 9.92 -5.80 -8.47
N VAL A 348 8.75 -5.58 -7.87
CA VAL A 348 8.62 -4.69 -6.74
C VAL A 348 8.30 -5.54 -5.53
N PHE A 349 8.92 -5.22 -4.39
CA PHE A 349 8.58 -5.89 -3.14
C PHE A 349 8.23 -4.84 -2.10
N THR A 350 7.05 -4.96 -1.50
CA THR A 350 6.62 -3.94 -0.53
C THR A 350 5.56 -4.50 0.42
N ALA A 351 4.96 -3.62 1.22
CA ALA A 351 3.94 -3.98 2.21
C ALA A 351 2.87 -2.90 2.21
N ASP A 352 1.69 -3.20 2.75
CA ASP A 352 0.62 -2.20 2.84
C ASP A 352 0.73 -1.32 4.10
N HIS A 353 1.51 -1.78 5.08
CA HIS A 353 1.75 -1.12 6.36
C HIS A 353 2.48 -2.14 7.22
N GLY A 354 2.94 -1.70 8.39
CA GLY A 354 3.65 -2.58 9.31
C GLY A 354 2.78 -3.10 10.45
N ASP A 355 3.42 -3.36 11.59
CA ASP A 355 2.80 -3.98 12.75
C ASP A 355 3.62 -3.54 13.96
N TYR A 356 2.97 -3.01 15.00
CA TYR A 356 3.74 -2.58 16.18
C TYR A 356 4.37 -3.71 16.97
N LEU A 357 3.65 -4.82 17.07
CA LEU A 357 4.09 -5.96 17.87
C LEU A 357 4.57 -5.53 19.27
N GLY A 358 3.90 -4.53 19.85
CA GLY A 358 4.23 -4.08 21.19
C GLY A 358 5.03 -2.79 21.23
N ASP A 359 5.58 -2.35 20.10
CA ASP A 359 6.26 -1.06 20.09
C ASP A 359 5.26 0.04 20.46
N HIS A 360 5.71 1.03 21.23
CA HIS A 360 4.87 2.16 21.64
C HIS A 360 3.61 1.71 22.37
N TRP A 361 3.70 0.56 23.05
CA TRP A 361 2.62 0.03 23.87
C TRP A 361 1.39 -0.29 23.04
N MET A 362 1.59 -0.57 21.76
CA MET A 362 0.49 -0.88 20.87
C MET A 362 0.61 -2.22 20.16
N GLY A 363 -0.52 -2.74 19.74
CA GLY A 363 -0.57 -3.78 18.74
C GLY A 363 -1.16 -3.18 17.47
N GLU A 364 -1.33 -4.00 16.44
CA GLU A 364 -1.91 -3.53 15.18
C GLU A 364 -1.06 -2.42 14.54
N LYS A 365 -1.69 -1.38 13.99
CA LYS A 365 -0.98 -0.51 13.03
C LYS A 365 -1.59 0.88 12.89
N TYR A 366 -2.31 1.35 13.89
CA TYR A 366 -2.89 2.69 13.84
C TYR A 366 -1.88 3.75 14.23
N LEU A 367 -2.12 4.99 13.80
CA LEU A 367 -1.17 6.10 13.95
C LEU A 367 0.05 5.91 13.05
N PHE A 368 1.04 6.79 13.18
CA PHE A 368 1.98 6.98 12.09
C PHE A 368 3.43 6.80 12.51
N TYR A 369 3.64 6.11 13.62
CA TYR A 369 4.97 5.74 14.04
C TYR A 369 5.63 4.91 12.93
N GLU A 370 6.96 4.91 12.91
CA GLU A 370 7.72 4.22 11.87
C GLU A 370 7.29 2.77 11.63
N ALA A 371 7.05 2.04 12.71
CA ALA A 371 6.74 0.61 12.56
C ALA A 371 5.47 0.37 11.78
N ALA A 372 4.55 1.33 11.78
CA ALA A 372 3.30 1.22 11.05
C ALA A 372 3.34 1.83 9.66
N ALA A 373 3.93 3.03 9.55
CA ALA A 373 3.76 3.87 8.36
C ALA A 373 4.89 3.75 7.34
N LYS A 374 6.08 3.35 7.80
CA LYS A 374 7.19 3.16 6.89
C LYS A 374 7.21 1.72 6.41
N VAL A 375 7.24 1.51 5.10
CA VAL A 375 7.19 0.18 4.54
C VAL A 375 8.49 -0.19 3.84
N PRO A 376 8.81 -1.50 3.80
CA PRO A 376 9.89 -1.88 2.91
C PRO A 376 9.48 -1.59 1.47
N LEU A 377 10.44 -1.21 0.64
CA LEU A 377 10.20 -1.01 -0.78
C LEU A 377 11.50 -1.28 -1.51
N ILE A 378 11.49 -2.32 -2.33
CA ILE A 378 12.64 -2.70 -3.13
C ILE A 378 12.16 -2.84 -4.55
N ILE A 379 12.90 -2.27 -5.50
CA ILE A 379 12.51 -2.39 -6.89
C ILE A 379 13.70 -2.86 -7.71
N TYR A 380 13.52 -3.99 -8.39
CA TYR A 380 14.53 -4.52 -9.30
C TYR A 380 14.01 -4.44 -10.71
N ASP A 381 14.57 -3.54 -11.51
CA ASP A 381 14.27 -3.45 -12.92
C ASP A 381 15.45 -4.07 -13.66
N PRO A 382 15.22 -5.20 -14.35
CA PRO A 382 16.32 -5.87 -15.03
C PRO A 382 16.77 -5.17 -16.33
N SER A 383 16.08 -4.10 -16.72
CA SER A 383 16.47 -3.33 -17.89
C SER A 383 17.84 -2.69 -17.72
N ASP A 384 18.57 -2.53 -18.83
CA ASP A 384 19.88 -1.88 -18.81
C ASP A 384 19.83 -0.47 -18.24
N LYS A 385 18.68 0.19 -18.36
CA LYS A 385 18.52 1.55 -17.88
C LYS A 385 18.72 1.65 -16.38
N ALA A 386 18.51 0.54 -15.67
CA ALA A 386 18.65 0.51 -14.22
C ALA A 386 20.00 -0.01 -13.76
N ASP A 387 20.93 -0.21 -14.69
CA ASP A 387 22.22 -0.77 -14.31
C ASP A 387 22.99 0.08 -13.30
N ALA A 388 22.94 1.40 -13.50
CA ALA A 388 23.78 2.31 -12.72
C ALA A 388 23.40 2.42 -11.24
N THR A 389 22.20 1.98 -10.88
CA THR A 389 21.75 2.11 -9.50
C THR A 389 21.67 0.78 -8.75
N ARG A 390 22.14 -0.31 -9.36
CA ARG A 390 22.01 -1.61 -8.72
C ARG A 390 22.76 -1.69 -7.40
N GLY A 391 22.09 -2.21 -6.39
CA GLY A 391 22.69 -2.39 -5.08
C GLY A 391 22.77 -1.11 -4.27
N THR A 392 22.07 -0.07 -4.69
CA THR A 392 22.12 1.20 -3.98
C THR A 392 20.89 1.40 -3.11
N VAL A 393 21.00 2.36 -2.21
CA VAL A 393 19.97 2.64 -1.23
C VAL A 393 19.53 4.08 -1.43
N SER A 394 18.23 4.29 -1.63
CA SER A 394 17.69 5.62 -1.84
C SER A 394 16.93 6.08 -0.62
N ASP A 395 17.28 7.25 -0.10
CA ASP A 395 16.51 7.86 0.98
C ASP A 395 15.55 8.94 0.47
N ALA A 396 15.28 8.94 -0.83
CA ALA A 396 14.30 9.85 -1.41
C ALA A 396 12.95 9.70 -0.70
N LEU A 397 12.22 10.80 -0.54
CA LEU A 397 10.89 10.72 0.04
C LEU A 397 9.93 10.12 -0.97
N VAL A 398 9.44 8.93 -0.66
CA VAL A 398 8.65 8.13 -1.58
C VAL A 398 7.33 7.72 -0.92
N GLU A 399 6.29 7.62 -1.74
CA GLU A 399 4.96 7.25 -1.28
C GLU A 399 4.45 6.03 -2.01
N MET A 400 3.61 5.24 -1.35
CA MET A 400 2.97 4.11 -2.00
C MET A 400 2.19 4.52 -3.26
N ILE A 401 1.61 5.72 -3.26
CA ILE A 401 0.92 6.21 -4.46
C ILE A 401 1.86 6.45 -5.63
N ASP A 402 3.17 6.40 -5.43
CA ASP A 402 4.11 6.53 -6.54
C ASP A 402 4.16 5.29 -7.42
N LEU A 403 3.71 4.15 -6.91
CA LEU A 403 3.81 2.95 -7.72
C LEU A 403 2.96 3.03 -8.99
N ALA A 404 1.74 3.56 -8.89
CA ALA A 404 0.87 3.65 -10.06
C ALA A 404 1.51 4.39 -11.24
N PRO A 405 1.99 5.65 -11.04
CA PRO A 405 2.64 6.31 -12.17
C PRO A 405 3.94 5.63 -12.60
N THR A 406 4.66 5.03 -11.66
CA THR A 406 5.85 4.27 -12.02
C THR A 406 5.50 3.17 -13.02
N PHE A 407 4.42 2.46 -12.74
CA PHE A 407 4.02 1.34 -13.57
C PHE A 407 3.52 1.80 -14.94
N VAL A 408 2.73 2.86 -14.97
CA VAL A 408 2.27 3.42 -16.25
C VAL A 408 3.46 3.87 -17.11
N ASP A 409 4.41 4.54 -16.47
CA ASP A 409 5.62 5.04 -17.10
C ASP A 409 6.41 3.86 -17.67
N TYR A 410 6.64 2.84 -16.84
CA TYR A 410 7.34 1.63 -17.27
C TYR A 410 6.64 0.95 -18.44
N ALA A 411 5.31 0.97 -18.41
CA ALA A 411 4.50 0.32 -19.45
C ALA A 411 4.47 1.10 -20.77
N GLY A 412 5.05 2.30 -20.78
CA GLY A 412 5.17 3.07 -22.01
C GLY A 412 4.16 4.20 -22.13
N GLY A 413 3.43 4.49 -21.06
CA GLY A 413 2.46 5.56 -21.10
C GLY A 413 2.91 6.82 -20.41
N VAL A 414 2.22 7.93 -20.68
CA VAL A 414 2.43 9.15 -19.92
C VAL A 414 1.44 9.11 -18.77
N PRO A 415 1.96 9.06 -17.54
CA PRO A 415 1.03 9.00 -16.39
C PRO A 415 0.14 10.24 -16.35
N PRO A 416 -1.18 10.05 -16.17
CA PRO A 416 -2.10 11.19 -16.19
C PRO A 416 -2.07 11.91 -14.84
N MET A 417 -1.35 13.02 -14.77
CA MET A 417 -1.10 13.63 -13.48
C MET A 417 -2.24 14.53 -12.98
N HIS A 418 -3.30 14.65 -13.77
CA HIS A 418 -4.53 15.26 -13.26
C HIS A 418 -5.33 14.25 -12.45
N ILE A 419 -4.91 12.99 -12.49
CA ILE A 419 -5.58 11.91 -11.78
C ILE A 419 -4.62 11.29 -10.74
N LEU A 420 -3.45 10.86 -11.20
CA LEU A 420 -2.44 10.28 -10.31
C LEU A 420 -1.75 11.39 -9.53
N GLU A 421 -1.69 11.24 -8.21
CA GLU A 421 -1.18 12.30 -7.35
C GLU A 421 0.28 12.13 -6.92
N GLY A 422 0.90 11.01 -7.28
CA GLY A 422 2.28 10.73 -6.90
C GLY A 422 3.26 11.05 -8.02
N LYS A 423 4.41 10.38 -8.00
CA LYS A 423 5.50 10.65 -8.92
C LYS A 423 6.09 9.33 -9.40
N SER A 424 6.35 9.20 -10.70
CA SER A 424 7.04 8.01 -11.17
C SER A 424 8.42 7.88 -10.52
N LEU A 425 8.75 6.66 -10.08
CA LEU A 425 10.03 6.40 -9.45
C LEU A 425 11.13 6.05 -10.46
N LEU A 426 10.78 5.94 -11.74
CA LEU A 426 11.77 5.54 -12.73
C LEU A 426 13.05 6.41 -12.73
N PRO A 427 12.93 7.74 -12.56
CA PRO A 427 14.17 8.52 -12.52
C PRO A 427 15.13 8.08 -11.41
N LEU A 428 14.60 7.59 -10.30
CA LEU A 428 15.45 7.11 -9.21
C LEU A 428 16.10 5.77 -9.50
N LEU A 429 15.50 4.99 -10.40
CA LEU A 429 16.10 3.71 -10.80
C LEU A 429 17.07 3.89 -11.97
N HIS A 430 16.81 4.88 -12.81
CA HIS A 430 17.49 4.98 -14.09
C HIS A 430 18.57 6.06 -14.14
N ASP A 431 18.60 6.94 -13.15
CA ASP A 431 19.61 7.98 -13.10
C ASP A 431 20.37 7.83 -11.78
N ASP A 432 21.68 7.70 -11.84
CA ASP A 432 22.46 7.52 -10.61
C ASP A 432 22.61 8.82 -9.81
N ASP A 433 22.17 9.93 -10.38
CA ASP A 433 22.10 11.20 -9.66
C ASP A 433 21.00 12.10 -10.21
N SER A 434 19.75 11.75 -9.92
CA SER A 434 18.60 12.50 -10.42
C SER A 434 18.07 13.49 -9.38
N SER A 435 17.35 14.50 -9.86
CA SER A 435 16.73 15.49 -8.98
C SER A 435 15.33 15.06 -8.55
N TRP A 436 15.11 14.96 -7.24
CA TRP A 436 13.82 14.53 -6.70
C TRP A 436 13.21 15.68 -5.89
N ASP A 437 12.10 16.23 -6.36
CA ASP A 437 11.61 17.49 -5.78
C ASP A 437 10.63 17.37 -4.61
N ARG A 438 10.30 16.16 -4.19
CA ARG A 438 9.36 16.02 -3.09
C ARG A 438 10.01 16.41 -1.76
N GLN A 439 9.37 17.34 -1.05
CA GLN A 439 9.88 17.77 0.25
C GLN A 439 9.15 17.14 1.43
N TYR A 440 7.94 16.63 1.19
CA TYR A 440 7.07 16.13 2.25
C TYR A 440 6.32 14.92 1.77
N VAL A 441 6.17 13.92 2.64
CA VAL A 441 5.21 12.81 2.40
C VAL A 441 4.03 12.94 3.34
N PHE A 442 2.91 12.34 2.96
CA PHE A 442 1.66 12.48 3.69
C PHE A 442 0.95 11.15 3.90
N SER A 443 0.22 11.04 5.00
CA SER A 443 -0.57 9.85 5.28
C SER A 443 -1.78 10.27 6.10
N GLU A 444 -2.87 9.49 6.03
CA GLU A 444 -4.12 9.88 6.66
C GLU A 444 -4.74 8.79 7.51
N LEU A 445 -5.49 9.17 8.52
CA LEU A 445 -6.26 8.24 9.34
C LEU A 445 -7.64 8.83 9.59
N ASP A 446 -8.69 8.07 9.28
CA ASP A 446 -10.05 8.39 9.69
C ASP A 446 -10.40 7.41 10.81
N TYR A 447 -10.45 7.87 12.05
CA TYR A 447 -10.61 6.95 13.19
C TYR A 447 -12.06 6.83 13.67
N SER A 448 -13.02 7.17 12.82
CA SER A 448 -14.43 7.13 13.27
C SER A 448 -14.94 5.71 13.55
N ASN A 449 -14.23 4.69 13.08
CA ASN A 449 -14.62 3.31 13.36
C ASN A 449 -13.87 2.72 14.55
N LEU A 450 -13.20 3.58 15.32
CA LEU A 450 -12.45 3.14 16.51
C LEU A 450 -13.08 3.71 17.78
N PRO A 451 -12.87 3.04 18.93
CA PRO A 451 -13.40 3.58 20.17
C PRO A 451 -12.92 5.02 20.45
N ALA A 452 -11.77 5.39 19.90
CA ALA A 452 -11.26 6.75 20.03
C ALA A 452 -12.27 7.83 19.62
N ARG A 453 -13.14 7.54 18.65
CA ARG A 453 -14.17 8.53 18.27
C ARG A 453 -14.98 8.93 19.49
N LEU A 454 -15.43 7.93 20.24
CA LEU A 454 -16.27 8.18 21.39
C LEU A 454 -15.47 8.74 22.56
N LYS A 455 -14.27 8.22 22.76
CA LYS A 455 -13.43 8.68 23.88
C LYS A 455 -12.99 10.12 23.70
N LEU A 456 -12.79 10.54 22.46
CA LEU A 456 -12.32 11.91 22.18
C LEU A 456 -13.48 12.87 21.88
N GLY A 457 -14.71 12.36 21.96
CA GLY A 457 -15.91 13.19 21.79
C GLY A 457 -16.09 13.79 20.40
N ARG A 458 -15.75 13.04 19.36
CA ARG A 458 -15.81 13.53 17.98
C ARG A 458 -17.06 13.11 17.25
N ASP A 459 -17.58 13.99 16.41
CA ASP A 459 -18.58 13.59 15.43
C ASP A 459 -17.92 12.64 14.41
N ILE A 460 -18.74 11.84 13.74
CA ILE A 460 -18.24 10.84 12.82
C ILE A 460 -17.38 11.42 11.69
N GLN A 461 -17.77 12.57 11.15
CA GLN A 461 -17.00 13.20 10.08
C GLN A 461 -15.75 13.94 10.57
N ASP A 462 -15.53 13.93 11.89
CA ASP A 462 -14.52 14.79 12.50
C ASP A 462 -13.39 14.02 13.18
N CYS A 463 -13.19 12.77 12.77
CA CYS A 463 -12.14 11.94 13.34
C CYS A 463 -10.96 11.90 12.39
N ARG A 464 -10.30 13.03 12.25
CA ARG A 464 -9.27 13.21 11.23
C ARG A 464 -7.90 13.35 11.85
N ALA A 465 -6.93 12.63 11.28
CA ALA A 465 -5.53 12.82 11.62
C ALA A 465 -4.74 12.71 10.33
N THR A 466 -3.77 13.60 10.14
CA THR A 466 -2.96 13.61 8.93
C THR A 466 -1.50 13.81 9.30
N MET A 467 -0.66 12.91 8.80
CA MET A 467 0.78 12.96 9.00
C MET A 467 1.45 13.71 7.85
N VAL A 468 2.44 14.54 8.21
CA VAL A 468 3.38 15.08 7.24
C VAL A 468 4.80 14.77 7.76
N PHE A 469 5.67 14.33 6.87
CA PHE A 469 7.04 13.98 7.24
C PHE A 469 8.00 14.53 6.20
N ASP A 470 9.10 15.15 6.65
CA ASP A 470 10.04 15.78 5.73
C ASP A 470 11.40 15.07 5.68
N GLY A 471 11.48 13.89 6.29
CA GLY A 471 12.73 13.16 6.35
C GLY A 471 13.36 13.24 7.73
N ARG A 472 13.00 14.28 8.48
CA ARG A 472 13.48 14.45 9.85
C ARG A 472 12.33 14.64 10.82
N TYR A 473 11.47 15.62 10.56
CA TYR A 473 10.37 15.93 11.45
C TYR A 473 9.07 15.29 10.95
N LYS A 474 8.34 14.70 11.88
CA LYS A 474 7.06 14.07 11.59
C LYS A 474 5.99 14.74 12.45
N LEU A 475 5.03 15.40 11.81
CA LEU A 475 3.95 16.05 12.51
C LEU A 475 2.64 15.38 12.13
N VAL A 476 1.81 15.11 13.13
CA VAL A 476 0.47 14.58 12.89
C VAL A 476 -0.53 15.60 13.43
N GLU A 477 -1.29 16.20 12.53
CA GLU A 477 -2.36 17.09 12.96
C GLU A 477 -3.59 16.24 13.30
N VAL A 478 -4.23 16.54 14.42
CA VAL A 478 -5.39 15.77 14.85
C VAL A 478 -6.48 16.77 15.14
N MET A 479 -7.52 16.76 14.31
CA MET A 479 -8.60 17.74 14.42
C MET A 479 -9.16 17.80 15.82
N GLY A 480 -9.21 19.02 16.39
CA GLY A 480 -9.73 19.21 17.72
C GLY A 480 -8.70 19.13 18.82
N PHE A 481 -7.46 18.77 18.47
CA PHE A 481 -6.42 18.52 19.46
C PHE A 481 -5.10 19.17 19.06
N ALA A 482 -4.14 19.15 19.99
CA ALA A 482 -2.78 19.56 19.64
C ALA A 482 -2.19 18.58 18.64
N PRO A 483 -1.21 19.03 17.85
CA PRO A 483 -0.54 18.07 16.98
C PRO A 483 0.42 17.18 17.78
N ILE A 484 0.83 16.09 17.14
CA ILE A 484 1.89 15.22 17.62
C ILE A 484 3.12 15.56 16.76
N LEU A 485 4.30 15.65 17.38
CA LEU A 485 5.50 16.00 16.62
C LEU A 485 6.71 15.26 17.15
N PHE A 486 7.43 14.61 16.24
CA PHE A 486 8.69 13.95 16.60
C PHE A 486 9.82 14.43 15.71
N ASP A 487 11.01 14.54 16.29
CA ASP A 487 12.24 14.84 15.57
C ASP A 487 13.01 13.54 15.49
N LEU A 488 12.96 12.88 14.33
CA LEU A 488 13.52 11.54 14.22
C LEU A 488 15.04 11.50 14.13
N GLU A 489 15.67 12.67 13.99
CA GLU A 489 17.12 12.72 14.05
C GLU A 489 17.61 12.63 15.50
N VAL A 490 17.02 13.45 16.37
CA VAL A 490 17.37 13.47 17.79
C VAL A 490 16.69 12.34 18.57
N ASP A 491 15.53 11.94 18.09
CA ASP A 491 14.63 11.02 18.80
C ASP A 491 14.16 9.96 17.80
N PRO A 492 15.08 9.11 17.30
CA PRO A 492 14.73 8.14 16.26
C PRO A 492 13.64 7.15 16.68
N ASP A 493 13.49 6.92 17.98
CA ASP A 493 12.47 6.02 18.48
C ASP A 493 11.11 6.68 18.75
N GLU A 494 11.01 7.97 18.43
CA GLU A 494 9.73 8.69 18.55
C GLU A 494 9.11 8.58 19.95
N LEU A 495 9.93 8.87 20.95
CA LEU A 495 9.51 8.77 22.33
C LEU A 495 9.17 10.12 22.97
N LYS A 496 9.57 11.21 22.32
CA LYS A 496 9.39 12.56 22.88
C LYS A 496 8.50 13.43 22.01
N ASP A 497 7.23 13.48 22.35
CA ASP A 497 6.25 14.26 21.58
C ASP A 497 6.46 15.75 21.84
N LEU A 498 6.78 16.48 20.78
CA LEU A 498 7.07 17.91 20.85
C LEU A 498 5.88 18.77 20.42
N GLY A 499 4.71 18.15 20.28
CA GLY A 499 3.54 18.84 19.75
C GLY A 499 3.14 20.12 20.47
N ARG A 500 3.39 20.19 21.76
CA ARG A 500 3.04 21.38 22.55
C ARG A 500 4.27 22.11 23.11
N ASP A 501 5.46 21.72 22.64
CA ASP A 501 6.73 22.28 23.11
C ASP A 501 6.98 23.63 22.44
N PRO A 502 7.12 24.71 23.25
CA PRO A 502 7.36 26.04 22.66
C PRO A 502 8.63 26.09 21.81
N SER A 503 9.62 25.25 22.12
CA SER A 503 10.88 25.27 21.39
C SER A 503 10.73 24.77 19.95
N ALA A 504 9.60 24.12 19.64
CA ALA A 504 9.41 23.54 18.32
C ALA A 504 8.43 24.34 17.46
N GLU A 505 8.20 25.60 17.83
CA GLU A 505 7.22 26.43 17.14
C GLU A 505 7.51 26.59 15.64
N GLU A 506 8.75 26.90 15.30
CA GLU A 506 9.11 27.11 13.90
C GLU A 506 8.88 25.85 13.06
N VAL A 507 9.30 24.70 13.59
CA VAL A 507 9.06 23.44 12.89
C VAL A 507 7.56 23.17 12.73
N ARG A 508 6.80 23.35 13.80
CA ARG A 508 5.34 23.17 13.72
C ARG A 508 4.72 24.06 12.65
N GLN A 509 5.13 25.33 12.59
CA GLN A 509 4.55 26.24 11.61
C GLN A 509 4.91 25.82 10.19
N ARG A 510 6.15 25.41 9.96
N ARG A 510 6.15 25.38 9.99
CA ARG A 510 6.54 24.98 8.62
CA ARG A 510 6.63 24.96 8.67
C ARG A 510 5.75 23.76 8.18
C ARG A 510 5.90 23.72 8.16
N LEU A 511 5.69 22.75 9.04
CA LEU A 511 4.99 21.53 8.67
C LEU A 511 3.47 21.73 8.54
N THR A 512 2.91 22.59 9.38
CA THR A 512 1.49 22.89 9.27
C THR A 512 1.21 23.64 7.97
N SER A 513 2.11 24.52 7.56
CA SER A 513 1.94 25.21 6.29
C SER A 513 2.01 24.21 5.13
N ALA A 514 2.87 23.21 5.25
CA ALA A 514 2.91 22.16 4.25
C ALA A 514 1.58 21.40 4.17
N LEU A 515 0.99 21.12 5.32
CA LEU A 515 -0.33 20.52 5.35
C LEU A 515 -1.40 21.43 4.75
N ASP A 516 -1.36 22.72 5.09
CA ASP A 516 -2.32 23.68 4.53
C ASP A 516 -2.29 23.64 3.00
N ALA A 517 -1.08 23.60 2.43
CA ALA A 517 -0.93 23.58 0.98
C ALA A 517 -1.39 22.23 0.42
N TRP A 518 -1.06 21.15 1.11
CA TRP A 518 -1.42 19.82 0.65
C TRP A 518 -2.95 19.63 0.59
N HIS A 519 -3.66 20.09 1.61
CA HIS A 519 -5.11 19.98 1.63
C HIS A 519 -5.75 20.75 0.47
N ARG A 520 -5.07 21.80 0.02
CA ARG A 520 -5.57 22.65 -1.07
C ARG A 520 -5.18 22.09 -2.44
N ASN A 521 -4.18 21.22 -2.48
CA ASN A 521 -3.63 20.75 -3.75
C ASN A 521 -4.39 19.56 -4.31
N THR A 522 -5.70 19.75 -4.53
CA THR A 522 -6.58 18.68 -4.94
C THR A 522 -6.40 18.28 -6.41
N ARG A 523 -6.79 17.04 -6.71
CA ARG A 523 -6.83 16.56 -8.08
C ARG A 523 -8.21 15.95 -8.34
N GLN A 524 -9.25 16.77 -8.22
CA GLN A 524 -10.62 16.33 -8.49
C GLN A 524 -11.05 16.61 -9.93
N ARG A 525 -10.25 17.38 -10.67
CA ARG A 525 -10.58 17.74 -12.04
C ARG A 525 -10.12 16.60 -12.97
N ILE A 526 -10.80 15.46 -12.86
CA ILE A 526 -10.30 14.23 -13.48
C ILE A 526 -10.81 14.02 -14.89
N THR A 527 -11.69 14.90 -15.37
CA THR A 527 -12.27 14.72 -16.70
C THR A 527 -11.67 15.63 -17.77
N LYS A 528 -10.63 16.39 -17.42
CA LYS A 528 -9.86 17.13 -18.42
C LYS A 528 -8.40 17.11 -18.00
N SER A 529 -7.51 16.78 -18.93
CA SER A 529 -6.07 16.73 -18.64
C SER A 529 -5.44 18.12 -18.78
N ASP A 530 -4.26 18.31 -18.18
CA ASP A 530 -3.51 19.55 -18.40
C ASP A 530 -3.13 19.69 -19.88
N ALA A 531 -2.75 18.58 -20.50
CA ALA A 531 -2.35 18.59 -21.90
C ALA A 531 -3.42 19.20 -22.79
N ALA A 532 -4.69 18.98 -22.43
CA ALA A 532 -5.81 19.46 -23.23
C ALA A 532 -5.91 20.99 -23.30
N TYR A 533 -5.26 21.69 -22.38
CA TYR A 533 -5.23 23.15 -22.38
C TYR A 533 -4.16 23.74 -23.30
N ARG A 534 -3.08 23.00 -23.51
CA ARG A 534 -1.85 23.61 -24.02
C ARG A 534 -1.82 24.06 -25.47
N ALA A 535 -2.48 23.34 -26.38
CA ALA A 535 -2.40 23.69 -27.79
C ALA A 535 -2.96 25.09 -28.07
N LEU A 536 -3.92 25.50 -27.25
CA LEU A 536 -4.61 26.79 -27.37
C LEU A 536 -3.84 27.95 -26.74
N ASP A 537 -2.79 27.65 -25.98
CA ASP A 537 -2.10 28.70 -25.23
C ASP A 537 -1.59 29.92 -26.04
N PRO A 538 -1.08 29.71 -27.28
CA PRO A 538 -0.69 30.89 -28.05
C PRO A 538 -1.87 31.84 -28.32
N VAL A 539 -3.07 31.29 -28.50
CA VAL A 539 -4.24 32.11 -28.71
C VAL A 539 -4.74 32.72 -27.39
N LEU A 540 -4.67 31.93 -26.32
CA LEU A 540 -5.05 32.43 -25.00
C LEU A 540 -4.12 33.57 -24.54
N ARG A 541 -2.86 33.52 -24.94
CA ARG A 541 -1.89 34.52 -24.47
C ARG A 541 -2.17 35.90 -25.05
N GLU A 542 -2.58 35.95 -26.30
CA GLU A 542 -2.65 37.19 -27.05
C GLU A 542 -4.04 37.56 -27.54
N SER A 543 -4.93 36.59 -27.53
CA SER A 543 -6.20 36.77 -28.23
C SER A 543 -7.36 36.16 -27.44
N ASP A 544 -8.34 35.61 -28.15
CA ASP A 544 -9.60 35.20 -27.55
C ASP A 544 -10.06 33.88 -28.15
N PRO A 545 -9.71 32.75 -27.50
CA PRO A 545 -10.08 31.43 -28.01
C PRO A 545 -11.58 31.24 -28.29
N ASP A 546 -12.44 31.96 -27.57
CA ASP A 546 -13.87 31.77 -27.75
C ASP A 546 -14.35 32.10 -29.17
N LEU A 547 -13.71 33.06 -29.82
CA LEU A 547 -14.05 33.42 -31.20
C LEU A 547 -13.92 32.26 -32.17
N MET A 548 -13.03 31.31 -31.86
CA MET A 548 -12.80 30.15 -32.74
C MET A 548 -14.04 29.27 -32.85
N ALA A 549 -14.90 29.30 -31.83
CA ALA A 549 -16.15 28.54 -31.84
C ALA A 549 -17.35 29.43 -32.17
N GLY A 550 -17.07 30.67 -32.53
CA GLY A 550 -18.12 31.61 -32.87
C GLY A 550 -18.83 32.18 -31.65
N VAL A 551 -18.25 32.03 -30.47
CA VAL A 551 -18.80 32.63 -29.27
C VAL A 551 -18.16 34.00 -29.08
N ILE A 552 -19.01 35.04 -29.10
CA ILE A 552 -18.55 36.41 -29.23
C ILE A 552 -18.93 37.19 -27.97
N ILE A 553 -17.96 37.38 -27.10
CA ILE A 553 -18.23 37.90 -25.76
C ILE A 553 -17.55 39.25 -25.55
N GLY A 554 -18.37 40.30 -25.48
CA GLY A 554 -17.86 41.61 -25.14
C GLY A 554 -17.39 42.48 -26.31
N TYR A 555 -17.81 42.15 -27.53
CA TYR A 555 -17.39 42.89 -28.73
C TYR A 555 -18.43 43.93 -29.14
N TRP A 556 -17.95 45.13 -29.44
CA TRP A 556 -18.83 46.24 -29.77
C TRP A 556 -19.45 46.11 -31.17
N ASP A 557 -18.60 45.88 -32.17
CA ASP A 557 -19.10 45.86 -33.55
C ASP A 557 -18.39 44.83 -34.42
N GLU A 558 -18.82 44.72 -35.66
CA GLU A 558 -18.30 43.70 -36.57
C GLU A 558 -16.82 43.90 -36.84
N ASP A 559 -16.41 45.15 -36.99
CA ASP A 559 -15.01 45.48 -37.21
C ASP A 559 -14.14 44.93 -36.09
N GLU A 560 -14.59 45.08 -34.85
CA GLU A 560 -13.82 44.62 -33.71
C GLU A 560 -13.67 43.10 -33.74
N VAL A 561 -14.76 42.41 -34.05
CA VAL A 561 -14.73 40.96 -34.14
C VAL A 561 -13.79 40.51 -35.26
N GLU A 562 -13.91 41.10 -36.44
CA GLU A 562 -13.12 40.67 -37.58
C GLU A 562 -11.63 40.94 -37.38
N ALA A 563 -11.30 42.06 -36.74
CA ALA A 563 -9.90 42.36 -36.47
C ALA A 563 -9.30 41.29 -35.56
N GLU A 564 -10.06 40.87 -34.55
CA GLU A 564 -9.57 39.84 -33.65
C GLU A 564 -9.46 38.48 -34.35
N LYS A 565 -10.41 38.17 -35.23
CA LYS A 565 -10.32 36.93 -36.00
C LYS A 565 -9.08 36.91 -36.88
N ARG A 566 -8.70 38.06 -37.40
CA ARG A 566 -7.46 38.13 -38.17
C ARG A 566 -6.24 37.93 -37.29
N ARG A 567 -6.30 38.39 -36.03
CA ARG A 567 -5.19 38.14 -35.12
C ARG A 567 -5.08 36.64 -34.80
N ILE A 568 -6.23 36.00 -34.59
CA ILE A 568 -6.24 34.56 -34.38
C ILE A 568 -5.60 33.83 -35.57
N ALA A 569 -5.96 34.23 -36.78
CA ALA A 569 -5.40 33.60 -37.97
C ALA A 569 -3.89 33.79 -38.04
N ARG A 570 -3.42 34.98 -37.68
CA ARG A 570 -2.00 35.27 -37.67
C ARG A 570 -1.28 34.37 -36.66
N ILE A 571 -1.81 34.29 -35.44
CA ILE A 571 -1.22 33.45 -34.40
C ILE A 571 -1.14 31.99 -34.84
N LEU A 572 -2.24 31.47 -35.39
CA LEU A 572 -2.27 30.08 -35.81
C LEU A 572 -1.27 29.84 -36.93
N GLY A 573 -1.03 30.85 -37.76
CA GLY A 573 -0.03 30.78 -38.80
C GLY A 573 1.39 30.74 -38.27
N GLU A 574 1.62 31.36 -37.11
CA GLU A 574 2.93 31.41 -36.49
C GLU A 574 3.30 30.08 -35.81
N ASN A 575 2.28 29.35 -35.39
CA ASN A 575 2.48 28.12 -34.63
C ASN A 575 2.17 26.87 -35.44
N SER A 576 2.09 25.77 -34.90
ZN ZN B . -2.89 -4.78 5.77
#